data_8ALR
#
_entry.id   8ALR
#
_cell.length_a   81.735
_cell.length_b   112.169
_cell.length_c   62.445
_cell.angle_alpha   90.00
_cell.angle_beta   90.00
_cell.angle_gamma   90.00
#
_symmetry.space_group_name_H-M   'C 2 2 21'
#
loop_
_entity.id
_entity.type
_entity.pdbx_description
1 polymer '14-3-3 protein sigma'
2 polymer 'Estrogen receptor'
3 non-polymer 'MAGNESIUM ION'
4 non-polymer 2-chloranyl-N-[[1-(1-phenylazanylcyclohexyl)carbonylpiperidin-4-yl]methyl]ethanamide
5 water water
#
loop_
_entity_poly.entity_id
_entity_poly.type
_entity_poly.pdbx_seq_one_letter_code
_entity_poly.pdbx_strand_id
1 'polypeptide(L)'
;GAMGSMERASLIQKAKLAEQAERYEDMAAFMKGAVEKGEELSCEERNLLSVAYKNVVGGQRAAWRVLSSIEQKSNEEGSE
EKGPEVREYREKVETELQGVCDTVLGLLDSHLIKEAGDAESRVFYLKMKGDYYRYLAEVATGDDKKRIIDSARSAYQEAM
DISKKEMPPTNPIRLGLALNFSVFHYEIANSPEEAISLAKTTFDEAMADLHTLSEDSYKDSTLIMQLLRDNLTLWT
;
A
2 'polypeptide(L)' FPA(TPO)V B
#
loop_
_chem_comp.id
_chem_comp.type
_chem_comp.name
_chem_comp.formula
MG non-polymer 'MAGNESIUM ION' 'Mg 2'
MVU non-polymer 2-chloranyl-N-[[1-(1-phenylazanylcyclohexyl)carbonylpiperidin-4-yl]methyl]ethanamide 'C21 H30 Cl N3 O2'
#
# COMPACT_ATOMS: atom_id res chain seq x y z
N GLY A 1 -1.44 -24.58 -5.03
CA GLY A 1 -0.52 -23.50 -5.45
C GLY A 1 0.84 -24.07 -5.78
N ALA A 2 1.54 -23.40 -6.71
CA ALA A 2 2.81 -23.88 -7.23
C ALA A 2 3.90 -23.91 -6.17
N MET A 3 3.72 -23.14 -5.09
CA MET A 3 4.66 -23.15 -3.97
C MET A 3 4.33 -24.14 -2.84
N GLY A 4 3.26 -24.93 -3.02
CA GLY A 4 2.80 -25.85 -2.02
C GLY A 4 3.79 -26.90 -1.59
N SER A 5 4.70 -27.28 -2.50
CA SER A 5 5.69 -28.27 -2.21
C SER A 5 6.99 -27.74 -1.60
N MET A 6 7.15 -26.41 -1.49
CA MET A 6 8.36 -25.82 -0.97
C MET A 6 8.22 -25.49 0.50
N GLU A 7 9.27 -25.80 1.26
CA GLU A 7 9.31 -25.48 2.68
C GLU A 7 9.08 -24.00 2.93
N ARG A 8 8.38 -23.68 4.00
CA ARG A 8 8.20 -22.29 4.42
C ARG A 8 9.55 -21.57 4.49
N ALA A 9 10.53 -22.16 5.16
CA ALA A 9 11.77 -21.45 5.37
C ALA A 9 12.47 -21.21 4.03
N SER A 10 12.37 -22.17 3.11
CA SER A 10 12.97 -22.01 1.79
C SER A 10 12.29 -20.92 0.97
N LEU A 11 10.96 -20.78 1.14
CA LEU A 11 10.25 -19.71 0.45
C LEU A 11 10.74 -18.34 0.96
N ILE A 12 10.91 -18.22 2.29
CA ILE A 12 11.38 -16.98 2.87
C ILE A 12 12.83 -16.67 2.42
N GLN A 13 13.69 -17.71 2.44
CA GLN A 13 15.06 -17.58 1.95
C GLN A 13 15.08 -17.08 0.49
N LYS A 14 14.26 -17.70 -0.35
CA LYS A 14 14.20 -17.31 -1.73
C LYS A 14 13.59 -15.93 -1.96
N ALA A 15 12.63 -15.54 -1.12
CA ALA A 15 12.09 -14.17 -1.21
C ALA A 15 13.21 -13.16 -0.99
N LYS A 16 14.11 -13.43 -0.03
CA LYS A 16 15.21 -12.54 0.25
C LYS A 16 16.20 -12.49 -0.92
N LEU A 17 16.47 -13.65 -1.53
CA LEU A 17 17.32 -13.70 -2.72
C LEU A 17 16.68 -12.91 -3.89
N ALA A 18 15.36 -13.08 -4.07
CA ALA A 18 14.66 -12.42 -5.14
C ALA A 18 14.75 -10.90 -4.94
N GLU A 19 14.63 -10.43 -3.69
CA GLU A 19 14.78 -9.03 -3.40
C GLU A 19 16.19 -8.52 -3.82
N GLN A 20 17.23 -9.26 -3.44
CA GLN A 20 18.59 -8.88 -3.80
C GLN A 20 18.76 -8.80 -5.32
N ALA A 21 18.09 -9.70 -6.04
CA ALA A 21 18.10 -9.74 -7.52
C ALA A 21 17.12 -8.81 -8.22
N GLU A 22 16.37 -8.04 -7.42
CA GLU A 22 15.32 -7.15 -7.91
C GLU A 22 14.29 -7.88 -8.79
N ARG A 23 13.96 -9.10 -8.37
CA ARG A 23 12.97 -10.00 -9.01
C ARG A 23 11.69 -9.97 -8.18
N TYR A 24 10.98 -8.87 -8.25
CA TYR A 24 9.88 -8.61 -7.29
C TYR A 24 8.67 -9.52 -7.57
N GLU A 25 8.41 -9.89 -8.82
CA GLU A 25 7.34 -10.84 -9.08
C GLU A 25 7.63 -12.17 -8.41
N ASP A 26 8.87 -12.66 -8.54
CA ASP A 26 9.25 -13.88 -7.87
C ASP A 26 9.14 -13.72 -6.36
N MET A 27 9.62 -12.59 -5.85
CA MET A 27 9.58 -12.31 -4.42
C MET A 27 8.14 -12.43 -3.91
N ALA A 28 7.20 -11.85 -4.65
CA ALA A 28 5.81 -11.85 -4.25
C ALA A 28 5.22 -13.26 -4.27
N ALA A 29 5.57 -14.03 -5.32
CA ALA A 29 5.09 -15.40 -5.41
C ALA A 29 5.64 -16.26 -4.26
N PHE A 30 6.91 -16.07 -3.90
CA PHE A 30 7.47 -16.78 -2.77
C PHE A 30 6.74 -16.42 -1.48
N MET A 31 6.51 -15.13 -1.26
CA MET A 31 5.82 -14.69 -0.06
C MET A 31 4.37 -15.12 0.02
N LYS A 32 3.68 -15.15 -1.12
CA LYS A 32 2.35 -15.72 -1.18
C LYS A 32 2.36 -17.18 -0.73
N GLY A 33 3.34 -17.92 -1.26
CA GLY A 33 3.51 -19.30 -0.82
C GLY A 33 3.72 -19.43 0.68
N ALA A 34 4.55 -18.55 1.23
CA ALA A 34 4.84 -18.57 2.66
C ALA A 34 3.57 -18.26 3.47
N VAL A 35 2.80 -17.27 3.06
CA VAL A 35 1.57 -16.94 3.77
C VAL A 35 0.63 -18.15 3.74
N GLU A 36 0.53 -18.79 2.58
CA GLU A 36 -0.39 -19.90 2.41
C GLU A 36 -0.02 -21.16 3.21
N LYS A 37 1.17 -21.18 3.83
CA LYS A 37 1.46 -22.24 4.79
C LYS A 37 0.57 -22.19 6.02
N GLY A 38 -0.03 -21.03 6.29
CA GLY A 38 -1.02 -20.92 7.33
C GLY A 38 -0.54 -20.43 8.66
N GLU A 39 0.76 -20.30 8.85
CA GLU A 39 1.32 -19.77 10.08
C GLU A 39 1.35 -18.25 10.02
N GLU A 40 1.21 -17.62 11.19
CA GLU A 40 1.40 -16.17 11.28
C GLU A 40 2.80 -15.77 10.76
N LEU A 41 2.94 -14.50 10.33
CA LEU A 41 4.18 -13.95 9.84
C LEU A 41 4.86 -13.14 10.93
N SER A 42 6.18 -13.26 11.02
CA SER A 42 6.96 -12.38 11.86
C SER A 42 7.03 -10.98 11.29
N CYS A 43 7.57 -10.04 12.05
CA CYS A 43 7.75 -8.71 11.55
C CYS A 43 8.58 -8.65 10.26
N GLU A 44 9.71 -9.34 10.24
CA GLU A 44 10.55 -9.37 9.08
C GLU A 44 9.80 -9.95 7.88
N GLU A 45 9.03 -11.01 8.13
CA GLU A 45 8.30 -11.67 7.04
C GLU A 45 7.18 -10.77 6.50
N ARG A 46 6.49 -10.06 7.39
CA ARG A 46 5.43 -9.09 6.96
C ARG A 46 6.08 -8.05 6.05
N ASN A 47 7.28 -7.59 6.38
CA ASN A 47 7.97 -6.60 5.57
C ASN A 47 8.38 -7.13 4.21
N LEU A 48 8.77 -8.40 4.14
CA LEU A 48 9.06 -9.00 2.87
C LEU A 48 7.82 -9.06 1.99
N LEU A 49 6.69 -9.45 2.59
CA LEU A 49 5.44 -9.53 1.87
C LEU A 49 5.08 -8.17 1.29
N SER A 50 5.15 -7.14 2.14
CA SER A 50 4.76 -5.82 1.70
C SER A 50 5.70 -5.26 0.64
N VAL A 51 7.01 -5.44 0.81
CA VAL A 51 7.97 -4.94 -0.18
C VAL A 51 7.75 -5.58 -1.54
N ALA A 52 7.49 -6.89 -1.56
CA ALA A 52 7.33 -7.61 -2.79
C ALA A 52 6.15 -7.06 -3.57
N TYR A 53 4.98 -7.04 -2.94
CA TYR A 53 3.75 -6.60 -3.64
C TYR A 53 3.78 -5.09 -3.90
N LYS A 54 4.40 -4.28 -3.03
CA LYS A 54 4.48 -2.86 -3.30
C LYS A 54 5.21 -2.59 -4.60
N ASN A 55 6.30 -3.32 -4.83
CA ASN A 55 7.08 -3.15 -6.01
C ASN A 55 6.34 -3.64 -7.25
N VAL A 56 5.66 -4.79 -7.15
CA VAL A 56 4.91 -5.30 -8.30
C VAL A 56 3.81 -4.32 -8.67
N VAL A 57 2.97 -3.95 -7.70
CA VAL A 57 1.81 -3.08 -8.01
C VAL A 57 2.29 -1.70 -8.36
N GLY A 58 3.42 -1.25 -7.79
CA GLY A 58 3.95 0.05 -8.10
C GLY A 58 4.29 0.17 -9.56
N GLY A 59 4.88 -0.90 -10.12
CA GLY A 59 5.23 -0.92 -11.53
C GLY A 59 3.97 -0.92 -12.38
N GLN A 60 2.95 -1.68 -11.96
CA GLN A 60 1.69 -1.71 -12.72
C GLN A 60 0.98 -0.36 -12.69
N ARG A 61 1.01 0.31 -11.56
CA ARG A 61 0.36 1.63 -11.42
C ARG A 61 1.08 2.64 -12.32
N ALA A 62 2.42 2.60 -12.35
CA ALA A 62 3.15 3.54 -13.16
C ALA A 62 2.79 3.29 -14.63
N ALA A 63 2.73 2.03 -15.05
CA ALA A 63 2.38 1.71 -16.45
C ALA A 63 0.96 2.14 -16.76
N TRP A 64 0.04 1.88 -15.83
CA TRP A 64 -1.36 2.25 -16.03
C TRP A 64 -1.50 3.75 -16.23
N ARG A 65 -0.74 4.54 -15.47
CA ARG A 65 -0.80 6.01 -15.57
C ARG A 65 -0.29 6.44 -16.93
N VAL A 66 0.79 5.83 -17.43
CA VAL A 66 1.32 6.19 -18.76
C VAL A 66 0.23 5.94 -19.78
N LEU A 67 -0.37 4.76 -19.73
CA LEU A 67 -1.37 4.36 -20.72
C LEU A 67 -2.65 5.20 -20.63
N SER A 68 -3.10 5.47 -19.41
CA SER A 68 -4.26 6.31 -19.17
C SER A 68 -4.06 7.72 -19.73
N SER A 69 -2.85 8.27 -19.60
CA SER A 69 -2.54 9.60 -20.13
C SER A 69 -2.61 9.60 -21.65
N ILE A 70 -2.07 8.55 -22.28
CA ILE A 70 -2.13 8.42 -23.73
C ILE A 70 -3.59 8.33 -24.17
N GLU A 71 -4.38 7.54 -23.45
CA GLU A 71 -5.79 7.33 -23.76
C GLU A 71 -6.58 8.64 -23.64
N GLN A 72 -6.32 9.41 -22.59
CA GLN A 72 -6.99 10.67 -22.37
C GLN A 72 -6.68 11.64 -23.51
N LYS A 73 -5.41 11.69 -23.91
CA LYS A 73 -4.99 12.55 -25.02
C LYS A 73 -5.68 12.18 -26.33
N SER A 74 -5.86 10.87 -26.55
CA SER A 74 -6.57 10.35 -27.73
C SER A 74 -8.03 10.79 -27.82
N ASN A 75 -8.63 11.09 -26.67
CA ASN A 75 -10.04 11.50 -26.61
C ASN A 75 -10.25 13.03 -26.64
N GLU A 76 -9.16 13.79 -26.84
CA GLU A 76 -9.22 15.24 -27.02
C GLU A 76 -9.62 15.62 -28.44
N GLU A 77 -10.28 16.78 -28.58
CA GLU A 77 -10.67 17.30 -29.87
C GLU A 77 -9.42 17.46 -30.73
N GLY A 78 -9.50 16.99 -31.97
CA GLY A 78 -8.42 17.12 -32.92
C GLY A 78 -7.44 15.96 -32.93
N SER A 79 -7.61 15.01 -31.98
CA SER A 79 -6.77 13.83 -31.94
C SER A 79 -7.30 12.83 -32.98
N GLU A 80 -6.41 12.27 -33.79
CA GLU A 80 -6.80 11.38 -34.88
C GLU A 80 -7.16 10.02 -34.25
N GLU A 81 -8.21 9.38 -34.77
CA GLU A 81 -8.69 8.09 -34.31
C GLU A 81 -7.65 7.02 -34.65
N LYS A 82 -7.20 6.30 -33.62
CA LYS A 82 -6.18 5.28 -33.77
C LYS A 82 -6.70 3.88 -33.43
N GLY A 83 -8.02 3.77 -33.21
CA GLY A 83 -8.66 2.49 -32.98
C GLY A 83 -8.67 2.09 -31.50
N PRO A 84 -9.02 0.83 -31.21
CA PRO A 84 -9.27 0.39 -29.84
C PRO A 84 -8.01 0.02 -29.04
N GLU A 85 -6.83 0.09 -29.67
CA GLU A 85 -5.64 -0.53 -29.08
C GLU A 85 -5.20 0.11 -27.77
N VAL A 86 -5.26 1.42 -27.66
CA VAL A 86 -4.81 2.08 -26.45
C VAL A 86 -5.71 1.67 -25.29
N ARG A 87 -7.03 1.71 -25.49
CA ARG A 87 -8.00 1.29 -24.46
C ARG A 87 -7.76 -0.19 -24.12
N GLU A 88 -7.60 -1.04 -25.14
CA GLU A 88 -7.41 -2.45 -24.88
C GLU A 88 -6.21 -2.70 -23.99
N TYR A 89 -5.10 -2.04 -24.30
CA TYR A 89 -3.84 -2.31 -23.58
C TYR A 89 -3.90 -1.71 -22.18
N ARG A 90 -4.51 -0.53 -22.04
CA ARG A 90 -4.75 0.03 -20.70
C ARG A 90 -5.62 -0.93 -19.88
N GLU A 91 -6.66 -1.50 -20.49
CA GLU A 91 -7.50 -2.49 -19.85
C GLU A 91 -6.74 -3.74 -19.44
N LYS A 92 -5.80 -4.17 -20.27
CA LYS A 92 -4.99 -5.33 -19.99
C LYS A 92 -4.17 -5.09 -18.73
N VAL A 93 -3.45 -3.98 -18.69
CA VAL A 93 -2.65 -3.63 -17.54
C VAL A 93 -3.54 -3.46 -16.29
N GLU A 94 -4.68 -2.79 -16.47
CA GLU A 94 -5.61 -2.58 -15.39
C GLU A 94 -6.08 -3.91 -14.80
N THR A 95 -6.41 -4.86 -15.65
CA THR A 95 -6.94 -6.14 -15.19
C THR A 95 -5.84 -6.88 -14.42
N GLU A 96 -4.60 -6.81 -14.90
CA GLU A 96 -3.49 -7.45 -14.19
C GLU A 96 -3.29 -6.80 -12.82
N LEU A 97 -3.34 -5.47 -12.77
CA LEU A 97 -3.25 -4.74 -11.51
C LEU A 97 -4.34 -5.14 -10.52
N GLN A 98 -5.58 -5.19 -11.00
CA GLN A 98 -6.69 -5.57 -10.18
C GLN A 98 -6.48 -6.99 -9.65
N GLY A 99 -5.93 -7.87 -10.50
CA GLY A 99 -5.63 -9.22 -10.07
C GLY A 99 -4.64 -9.28 -8.91
N VAL A 100 -3.60 -8.48 -9.00
CA VAL A 100 -2.59 -8.43 -7.93
C VAL A 100 -3.25 -7.91 -6.64
N CYS A 101 -4.06 -6.86 -6.74
CA CYS A 101 -4.74 -6.32 -5.59
C CYS A 101 -5.67 -7.35 -4.97
N ASP A 102 -6.41 -8.07 -5.80
CA ASP A 102 -7.32 -9.08 -5.31
C ASP A 102 -6.55 -10.21 -4.61
N THR A 103 -5.37 -10.55 -5.17
CA THR A 103 -4.52 -11.56 -4.52
C THR A 103 -4.07 -11.10 -3.13
N VAL A 104 -3.58 -9.87 -3.01
CA VAL A 104 -3.14 -9.37 -1.72
C VAL A 104 -4.33 -9.33 -0.74
N LEU A 105 -5.45 -8.76 -1.18
CA LEU A 105 -6.63 -8.66 -0.33
C LEU A 105 -7.06 -10.05 0.10
N GLY A 106 -6.94 -11.02 -0.79
CA GLY A 106 -7.30 -12.38 -0.46
C GLY A 106 -6.43 -12.99 0.63
N LEU A 107 -5.11 -12.72 0.60
CA LEU A 107 -4.22 -13.20 1.65
C LEU A 107 -4.58 -12.57 2.98
N LEU A 108 -4.92 -11.28 2.95
CA LEU A 108 -5.28 -10.56 4.17
C LEU A 108 -6.56 -11.12 4.76
N ASP A 109 -7.53 -11.45 3.91
CA ASP A 109 -8.82 -11.95 4.36
C ASP A 109 -8.77 -13.44 4.73
N SER A 110 -7.80 -14.18 4.16
CA SER A 110 -7.72 -15.62 4.36
C SER A 110 -6.27 -16.01 4.61
N HIS A 111 -5.74 -15.82 5.83
CA HIS A 111 -6.45 -15.44 7.03
C HIS A 111 -5.59 -14.52 7.90
N LEU A 112 -4.78 -13.66 7.27
CA LEU A 112 -3.81 -12.91 8.03
C LEU A 112 -4.42 -11.97 9.07
N ILE A 113 -5.43 -11.20 8.68
CA ILE A 113 -6.02 -10.22 9.59
C ILE A 113 -6.65 -10.91 10.80
N LYS A 114 -7.45 -11.95 10.57
CA LYS A 114 -8.21 -12.52 11.66
C LYS A 114 -7.32 -13.16 12.72
N GLU A 115 -6.11 -13.60 12.33
CA GLU A 115 -5.16 -14.21 13.28
C GLU A 115 -4.21 -13.20 13.98
N ALA A 116 -4.26 -11.94 13.46
CA ALA A 116 -3.37 -10.87 13.93
C ALA A 116 -3.96 -10.16 15.17
N GLY A 117 -3.40 -10.46 16.33
CA GLY A 117 -3.91 -9.92 17.59
C GLY A 117 -3.06 -8.81 18.21
N ASP A 118 -1.77 -8.82 17.89
CA ASP A 118 -0.89 -7.78 18.41
C ASP A 118 -1.12 -6.54 17.58
N ALA A 119 -1.01 -5.36 18.20
CA ALA A 119 -1.24 -4.13 17.49
C ALA A 119 -0.37 -3.97 16.27
N GLU A 120 0.89 -4.34 16.36
CA GLU A 120 1.83 -4.10 15.27
C GLU A 120 1.44 -4.92 14.05
N SER A 121 0.99 -6.16 14.26
CA SER A 121 0.64 -6.99 13.12
C SER A 121 -0.71 -6.55 12.56
N ARG A 122 -1.67 -6.31 13.44
CA ARG A 122 -3.05 -6.00 12.98
C ARG A 122 -3.05 -4.66 12.26
N VAL A 123 -2.38 -3.65 12.80
CA VAL A 123 -2.31 -2.36 12.13
C VAL A 123 -1.60 -2.49 10.79
N PHE A 124 -0.51 -3.26 10.75
CA PHE A 124 0.22 -3.45 9.50
C PHE A 124 -0.66 -4.03 8.40
N TYR A 125 -1.43 -5.06 8.73
CA TYR A 125 -2.31 -5.74 7.76
C TYR A 125 -3.48 -4.84 7.37
N LEU A 126 -4.06 -4.13 8.32
CA LEU A 126 -5.17 -3.26 7.98
C LEU A 126 -4.71 -2.10 7.11
N LYS A 127 -3.53 -1.56 7.37
CA LYS A 127 -2.92 -0.58 6.47
C LYS A 127 -2.78 -1.18 5.07
N MET A 128 -2.28 -2.40 4.94
CA MET A 128 -2.16 -3.02 3.63
C MET A 128 -3.54 -3.13 2.96
N LYS A 129 -4.56 -3.51 3.72
CA LYS A 129 -5.89 -3.64 3.17
C LYS A 129 -6.37 -2.30 2.63
N GLY A 130 -6.15 -1.22 3.38
CA GLY A 130 -6.49 0.11 2.88
C GLY A 130 -5.72 0.47 1.62
N ASP A 131 -4.42 0.17 1.59
CA ASP A 131 -3.56 0.49 0.47
C ASP A 131 -4.05 -0.22 -0.79
N TYR A 132 -4.39 -1.50 -0.73
CA TYR A 132 -4.74 -2.27 -1.95
C TYR A 132 -6.17 -1.92 -2.38
N TYR A 133 -7.07 -1.60 -1.47
CA TYR A 133 -8.35 -1.01 -1.90
C TYR A 133 -8.10 0.37 -2.52
N ARG A 134 -7.17 1.15 -2.01
CA ARG A 134 -6.85 2.46 -2.62
C ARG A 134 -6.37 2.24 -4.05
N TYR A 135 -5.52 1.25 -4.31
CA TYR A 135 -5.04 0.98 -5.69
C TYR A 135 -6.22 0.56 -6.58
N LEU A 136 -7.15 -0.24 -6.07
CA LEU A 136 -8.34 -0.55 -6.82
C LEU A 136 -9.15 0.71 -7.12
N ALA A 137 -9.23 1.62 -6.15
CA ALA A 137 -9.99 2.86 -6.31
C ALA A 137 -9.39 3.75 -7.38
N GLU A 138 -8.07 3.72 -7.53
CA GLU A 138 -7.39 4.58 -8.47
C GLU A 138 -7.88 4.28 -9.89
N VAL A 139 -8.26 3.01 -10.16
CA VAL A 139 -8.65 2.61 -11.51
C VAL A 139 -10.14 2.34 -11.68
N ALA A 140 -10.90 2.50 -10.60
CA ALA A 140 -12.34 2.21 -10.59
C ALA A 140 -13.10 3.33 -11.25
N THR A 141 -14.08 2.93 -12.06
CA THR A 141 -15.00 3.84 -12.75
C THR A 141 -16.46 3.40 -12.72
N GLY A 142 -16.77 2.23 -12.15
CA GLY A 142 -18.09 1.62 -12.23
C GLY A 142 -19.02 1.79 -11.01
N ASP A 143 -20.05 0.93 -10.96
CA ASP A 143 -21.14 0.93 -9.94
C ASP A 143 -20.55 0.77 -8.53
N ASP A 144 -19.42 0.07 -8.42
CA ASP A 144 -18.79 -0.22 -7.13
C ASP A 144 -17.70 0.75 -6.67
N LYS A 145 -17.43 1.82 -7.43
CA LYS A 145 -16.34 2.72 -7.07
C LYS A 145 -16.50 3.28 -5.64
N LYS A 146 -17.70 3.74 -5.29
CA LYS A 146 -17.94 4.26 -3.95
C LYS A 146 -17.68 3.20 -2.89
N ARG A 147 -18.11 1.97 -3.13
CA ARG A 147 -17.92 0.89 -2.13
C ARG A 147 -16.42 0.57 -2.06
N ILE A 148 -15.68 0.62 -3.16
CA ILE A 148 -14.24 0.37 -3.10
C ILE A 148 -13.54 1.43 -2.26
N ILE A 149 -13.89 2.70 -2.48
CA ILE A 149 -13.36 3.80 -1.71
C ILE A 149 -13.69 3.63 -0.23
N ASP A 150 -14.93 3.24 0.05
CA ASP A 150 -15.32 3.07 1.44
C ASP A 150 -14.62 1.90 2.12
N SER A 151 -14.30 0.85 1.34
CA SER A 151 -13.55 -0.27 1.88
C SER A 151 -12.14 0.15 2.27
N ALA A 152 -11.52 0.99 1.44
CA ALA A 152 -10.20 1.52 1.80
C ALA A 152 -10.30 2.35 3.08
N ARG A 153 -11.26 3.28 3.11
CA ARG A 153 -11.45 4.17 4.26
C ARG A 153 -11.67 3.35 5.54
N SER A 154 -12.52 2.33 5.48
CA SER A 154 -12.85 1.55 6.66
C SER A 154 -11.65 0.82 7.20
N ALA A 155 -10.83 0.25 6.31
CA ALA A 155 -9.64 -0.47 6.71
C ALA A 155 -8.64 0.51 7.37
N TYR A 156 -8.39 1.63 6.72
CA TYR A 156 -7.50 2.67 7.26
C TYR A 156 -8.02 3.15 8.61
N GLN A 157 -9.33 3.37 8.74
CA GLN A 157 -9.88 3.90 9.98
C GLN A 157 -9.71 2.93 11.14
N GLU A 158 -9.96 1.63 10.89
CA GLU A 158 -9.76 0.64 11.93
C GLU A 158 -8.29 0.62 12.36
N ALA A 159 -7.38 0.67 11.39
CA ALA A 159 -5.96 0.70 11.68
C ALA A 159 -5.57 1.95 12.48
N MET A 160 -6.15 3.11 12.14
CA MET A 160 -5.86 4.34 12.86
C MET A 160 -6.35 4.21 14.30
N ASP A 161 -7.54 3.65 14.48
CA ASP A 161 -8.12 3.57 15.83
C ASP A 161 -7.20 2.71 16.73
N ILE A 162 -6.77 1.55 16.21
CA ILE A 162 -5.90 0.67 16.99
C ILE A 162 -4.56 1.37 17.24
N SER A 163 -4.00 2.00 16.21
CA SER A 163 -2.68 2.61 16.33
C SER A 163 -2.67 3.72 17.39
N LYS A 164 -3.75 4.50 17.45
CA LYS A 164 -3.79 5.59 18.40
C LYS A 164 -3.90 5.09 19.83
N LYS A 165 -4.57 3.95 20.03
CA LYS A 165 -4.74 3.38 21.37
C LYS A 165 -3.50 2.62 21.83
N GLU A 166 -2.84 1.93 20.91
CA GLU A 166 -1.84 0.91 21.27
C GLU A 166 -0.36 1.19 20.97
N MET A 167 -0.10 2.22 20.15
CA MET A 167 1.25 2.49 19.67
C MET A 167 1.62 3.94 19.98
N PRO A 168 2.93 4.20 20.21
CA PRO A 168 3.38 5.58 20.40
C PRO A 168 3.29 6.34 19.08
N PRO A 169 3.22 7.69 19.15
CA PRO A 169 3.04 8.50 17.95
C PRO A 169 4.25 8.44 17.01
N THR A 170 5.40 7.96 17.47
CA THR A 170 6.57 7.78 16.61
C THR A 170 6.68 6.40 15.97
N ASN A 171 5.78 5.48 16.32
CA ASN A 171 5.89 4.12 15.81
C ASN A 171 5.87 4.18 14.29
N PRO A 172 6.86 3.59 13.56
CA PRO A 172 6.91 3.70 12.12
C PRO A 172 5.67 3.15 11.41
N ILE A 173 5.04 2.10 11.94
CA ILE A 173 3.82 1.58 11.31
C ILE A 173 2.71 2.61 11.44
N ARG A 174 2.57 3.20 12.63
CA ARG A 174 1.57 4.27 12.83
C ARG A 174 1.84 5.44 11.88
N LEU A 175 3.09 5.86 11.76
CA LEU A 175 3.44 6.97 10.90
C LEU A 175 3.13 6.65 9.44
N GLY A 176 3.52 5.46 8.98
CA GLY A 176 3.30 5.11 7.59
C GLY A 176 1.83 4.96 7.26
N LEU A 177 1.05 4.43 8.20
CA LEU A 177 -0.41 4.38 8.07
C LEU A 177 -1.00 5.77 7.88
N ALA A 178 -0.58 6.70 8.73
CA ALA A 178 -1.10 8.06 8.67
C ALA A 178 -0.69 8.75 7.38
N LEU A 179 0.56 8.54 6.95
CA LEU A 179 1.03 9.08 5.68
C LEU A 179 0.12 8.61 4.55
N ASN A 180 -0.13 7.30 4.50
CA ASN A 180 -0.91 6.73 3.41
C ASN A 180 -2.39 7.10 3.48
N PHE A 181 -2.97 7.15 4.67
CA PHE A 181 -4.35 7.53 4.84
C PHE A 181 -4.53 8.99 4.44
N SER A 182 -3.54 9.82 4.75
CA SER A 182 -3.54 11.21 4.33
C SER A 182 -3.57 11.30 2.80
N VAL A 183 -2.73 10.51 2.12
CA VAL A 183 -2.76 10.45 0.66
C VAL A 183 -4.11 9.97 0.15
N PHE A 184 -4.70 8.95 0.76
CA PHE A 184 -6.06 8.54 0.45
C PHE A 184 -7.02 9.74 0.47
N HIS A 185 -6.98 10.53 1.54
CA HIS A 185 -7.87 11.66 1.65
C HIS A 185 -7.67 12.62 0.49
N TYR A 186 -6.41 12.88 0.15
CA TYR A 186 -6.05 13.91 -0.85
C TYR A 186 -6.40 13.44 -2.26
N GLU A 187 -6.03 12.21 -2.58
CA GLU A 187 -6.05 11.70 -3.95
C GLU A 187 -7.29 10.90 -4.35
N ILE A 188 -7.94 10.29 -3.35
CA ILE A 188 -9.06 9.39 -3.58
C ILE A 188 -10.38 9.95 -3.08
N ALA A 189 -10.39 10.51 -1.88
CA ALA A 189 -11.63 10.97 -1.23
C ALA A 189 -11.95 12.43 -1.47
N ASN A 190 -11.14 13.12 -2.27
CA ASN A 190 -11.39 14.53 -2.56
C ASN A 190 -11.49 15.37 -1.31
N SER A 191 -10.61 15.09 -0.35
CA SER A 191 -10.64 15.71 0.96
C SER A 191 -9.27 16.27 1.29
N PRO A 192 -8.77 17.26 0.54
CA PRO A 192 -7.41 17.77 0.78
C PRO A 192 -7.24 18.38 2.18
N GLU A 193 -8.26 19.03 2.72
CA GLU A 193 -8.13 19.57 4.06
C GLU A 193 -7.93 18.49 5.10
N GLU A 194 -8.65 17.38 4.97
CA GLU A 194 -8.48 16.26 5.89
C GLU A 194 -7.07 15.68 5.74
N ALA A 195 -6.60 15.56 4.50
CA ALA A 195 -5.24 15.07 4.22
C ALA A 195 -4.19 15.91 4.93
N ILE A 196 -4.30 17.23 4.78
CA ILE A 196 -3.35 18.16 5.34
C ILE A 196 -3.41 18.12 6.87
N SER A 197 -4.62 18.15 7.43
CA SER A 197 -4.78 18.12 8.90
C SER A 197 -4.14 16.85 9.47
N LEU A 198 -4.41 15.72 8.82
CA LEU A 198 -3.86 14.45 9.30
C LEU A 198 -2.35 14.44 9.23
N ALA A 199 -1.78 14.88 8.11
CA ALA A 199 -0.32 14.88 8.00
C ALA A 199 0.33 15.79 9.05
N LYS A 200 -0.25 16.98 9.26
CA LYS A 200 0.28 17.97 10.20
C LYS A 200 0.21 17.43 11.63
N THR A 201 -0.96 16.95 12.04
CA THR A 201 -1.14 16.47 13.40
C THR A 201 -0.24 15.27 13.65
N THR A 202 -0.11 14.39 12.67
CA THR A 202 0.75 13.22 12.84
C THR A 202 2.19 13.66 13.00
N PHE A 203 2.65 14.58 12.16
CA PHE A 203 4.02 15.09 12.25
C PHE A 203 4.30 15.69 13.62
N ASP A 204 3.38 16.54 14.09
CA ASP A 204 3.60 17.30 15.30
C ASP A 204 3.57 16.39 16.54
N GLU A 205 2.68 15.40 16.53
CA GLU A 205 2.63 14.48 17.66
C GLU A 205 3.86 13.57 17.69
N ALA A 206 4.37 13.19 16.52
CA ALA A 206 5.62 12.47 16.47
C ALA A 206 6.79 13.29 16.98
N MET A 207 6.90 14.53 16.53
CA MET A 207 7.95 15.42 16.94
C MET A 207 8.09 15.46 18.45
N ALA A 208 6.95 15.60 19.12
CA ALA A 208 6.89 15.68 20.56
C ALA A 208 7.29 14.42 21.31
N ASP A 209 7.36 13.28 20.62
CA ASP A 209 7.71 11.99 21.25
C ASP A 209 9.12 11.52 20.86
N LEU A 210 9.82 12.24 19.98
CA LEU A 210 11.15 11.82 19.55
C LEU A 210 12.12 11.72 20.71
N HIS A 211 11.93 12.54 21.75
CA HIS A 211 12.86 12.59 22.87
C HIS A 211 12.97 11.28 23.62
N THR A 212 11.99 10.40 23.42
CA THR A 212 11.92 9.12 24.11
C THR A 212 12.73 8.03 23.43
N LEU A 213 13.23 8.30 22.24
CA LEU A 213 13.76 7.29 21.36
C LEU A 213 15.27 7.16 21.40
N SER A 214 15.75 5.95 21.14
CA SER A 214 17.14 5.71 20.80
C SER A 214 17.50 6.36 19.46
N GLU A 215 18.80 6.39 19.16
CA GLU A 215 19.26 6.96 17.90
C GLU A 215 18.70 6.17 16.73
N ASP A 216 18.68 4.85 16.84
CA ASP A 216 18.19 4.05 15.73
C ASP A 216 16.68 4.22 15.52
N SER A 217 15.90 4.29 16.61
CA SER A 217 14.46 4.50 16.49
C SER A 217 14.18 5.89 15.94
N TYR A 218 14.95 6.87 16.40
CA TYR A 218 14.87 8.25 15.90
C TYR A 218 15.07 8.27 14.38
N LYS A 219 16.06 7.53 13.90
CA LYS A 219 16.30 7.51 12.44
C LYS A 219 15.07 6.99 11.71
N ASP A 220 14.51 5.89 12.19
CA ASP A 220 13.37 5.25 11.57
C ASP A 220 12.17 6.21 11.53
N SER A 221 11.89 6.87 12.65
CA SER A 221 10.71 7.72 12.76
C SER A 221 10.87 8.99 11.93
N THR A 222 12.06 9.61 12.00
CA THR A 222 12.27 10.85 11.29
C THR A 222 12.24 10.67 9.77
N LEU A 223 12.64 9.50 9.27
CA LEU A 223 12.56 9.24 7.83
C LEU A 223 11.11 9.42 7.37
N ILE A 224 10.17 8.81 8.10
CA ILE A 224 8.77 8.88 7.66
C ILE A 224 8.20 10.25 7.96
N MET A 225 8.64 10.89 9.04
CA MET A 225 8.20 12.27 9.29
C MET A 225 8.57 13.19 8.12
N GLN A 226 9.74 12.96 7.53
CA GLN A 226 10.14 13.78 6.41
C GLN A 226 9.21 13.56 5.22
N LEU A 227 8.69 12.35 5.02
CA LEU A 227 7.73 12.10 3.95
C LEU A 227 6.42 12.86 4.20
N LEU A 228 5.97 12.91 5.46
CA LEU A 228 4.82 13.72 5.80
C LEU A 228 5.06 15.18 5.45
N ARG A 229 6.23 15.71 5.82
CA ARG A 229 6.61 17.11 5.50
C ARG A 229 6.66 17.29 3.97
N ASP A 230 7.22 16.31 3.25
CA ASP A 230 7.30 16.43 1.81
C ASP A 230 5.90 16.59 1.19
N ASN A 231 4.95 15.78 1.66
CA ASN A 231 3.58 15.89 1.17
C ASN A 231 2.94 17.20 1.52
N LEU A 232 3.14 17.65 2.77
CA LEU A 232 2.61 18.95 3.18
C LEU A 232 3.15 20.07 2.32
N THR A 233 4.43 19.99 1.95
CA THR A 233 5.04 20.99 1.09
C THR A 233 4.44 20.95 -0.33
N LEU A 234 4.15 19.74 -0.82
CA LEU A 234 3.50 19.57 -2.11
C LEU A 234 2.08 20.20 -2.12
N TRP A 235 1.39 20.10 -0.97
CA TRP A 235 -0.03 20.45 -0.87
C TRP A 235 -0.36 21.84 -0.38
N THR A 236 0.64 22.58 0.09
CA THR A 236 0.43 23.89 0.67
C THR A 236 1.30 24.93 -0.04
N PHE B 1 3.52 13.25 -7.70
CA PHE B 1 2.81 12.16 -6.96
C PHE B 1 3.28 12.08 -5.52
N PRO B 2 2.37 11.99 -4.54
CA PRO B 2 2.78 12.09 -3.15
C PRO B 2 3.41 10.81 -2.61
N ALA B 3 4.16 10.98 -1.53
CA ALA B 3 4.86 9.89 -0.88
C ALA B 3 3.94 8.98 -0.11
N TPO B 4 4.10 7.68 -0.31
CA TPO B 4 3.45 6.60 0.48
CB TPO B 4 2.23 6.02 -0.24
CG2 TPO B 4 1.12 7.03 -0.41
OG1 TPO B 4 2.71 5.55 -1.54
P TPO B 4 1.81 4.62 -2.48
O1P TPO B 4 2.84 4.06 -3.42
O2P TPO B 4 0.78 5.50 -3.16
O3P TPO B 4 1.15 3.58 -1.61
C TPO B 4 4.51 5.53 0.79
O TPO B 4 5.52 5.48 0.08
N VAL B 5 4.27 4.75 1.84
CA VAL B 5 5.16 3.66 2.18
C VAL B 5 4.49 2.32 2.29
MG MG C . -8.57 13.86 13.67
MG MG D . -11.53 -2.37 -16.49
N11 MVU E . 8.32 0.85 5.51
C12 MVU E . 7.03 0.86 6.10
C13 MVU E . 6.72 1.71 7.18
C14 MVU E . 5.45 1.70 7.74
C15 MVU E . 4.51 0.79 7.30
C16 MVU E . 4.79 -0.03 6.24
C17 MVU E . 6.04 -0.04 5.65
C18 MVU E . 9.53 2.96 5.98
O23 MVU E . 9.82 2.12 8.44
C01 MVU E . 7.16 -5.40 12.98
C02 MVU E . 6.47 -4.86 11.74
C04 MVU E . 7.23 -3.07 10.08
C05 MVU E . 8.54 -2.25 10.06
C06 MVU E . 9.44 -2.32 8.83
C07 MVU E . 9.05 -1.33 7.73
C09 MVU E . 9.57 1.17 7.69
C10 MVU E . 9.53 1.42 6.17
C19 MVU E . 9.66 3.36 4.53
C20 MVU E . 10.94 2.86 3.97
C21 MVU E . 11.01 1.34 4.08
C22 MVU E . 10.82 0.86 5.52
C24 MVU E . 8.19 0.21 9.43
C25 MVU E . 8.44 -0.80 10.53
N03 MVU E . 7.37 -4.05 11.16
N08 MVU E . 9.07 0.04 8.25
O26 MVU E . 5.26 -5.17 11.38
#